data_6IGK
#
_entry.id   6IGK
#
_cell.length_a   65.550
_cell.length_b   172.280
_cell.length_c   121.330
_cell.angle_alpha   90.000
_cell.angle_beta   90.000
_cell.angle_gamma   90.000
#
_symmetry.space_group_name_H-M   'C 2 2 21'
#
loop_
_entity.id
_entity.type
_entity.pdbx_description
1 polymer 'Endothelin receptor type B,Endolysin,Endothelin receptor type B'
2 polymer Endothelin-3
3 non-polymer '(2R)-2,3-dihydroxypropyl (9Z)-octadec-9-enoate'
4 non-polymer 'CITRIC ACID'
5 water water
#
loop_
_entity_poly.entity_id
_entity_poly.type
_entity_poly.pdbx_seq_one_letter_code
_entity_poly.pdbx_strand_id
1 'polypeptide(L)'
;GGGLAPAEVPKGDRTAGSPPRTISPPPCQGPIEIKETFKYINTVVSCLVFVLGIIGNSTLLYIIYKNKCMRNGPNILIAS
LALGDLLHIVIAIPINVYKLLAEDWPFGAEMCKLVPFIQKASVGITVLSLCALSIDRYRAVASWSRIKGIGVPKWTAVEI
VLIWVVSVVLAVPEAIGFDIITMDYKGSYLRICLLHPVQKTAFMQFYATAKDWWLFSFYFCLPLAITAFFYTLMTCEMLR
KNIFEMLRIDEGLRLKIYKDTEGYYTIGIGHLLTKSPSLNAAKSELDKAIGRNTNGVITKDEAEKLFNQDVDAAVRGILR
NAKLKPVYDSLDAVRRAALINMVFQMGETGVAGFTNSLRMLQQKRWDEAAVNLAKSRWYNQTPNRAKRVITTFRTGTWDA
YLNDHLKQRREVAKTVFCLVLVFALCWLPLHLARILKLTLYNQNDPNRCELLSFLLVLDYIGINMASLNSCANPIALYLV
SKRFKNAFKSALCCWAQS
;
A
2 'polypeptide(L)' CTCFTYKDKECVYYCHLDIIW B
#
loop_
_chem_comp.id
_chem_comp.type
_chem_comp.name
_chem_comp.formula
CIT non-polymer 'CITRIC ACID' 'C6 H8 O7'
OLC non-polymer '(2R)-2,3-dihydroxypropyl (9Z)-octadec-9-enoate' 'C21 H40 O4'
#
# COMPACT_ATOMS: atom_id res chain seq x y z
N SER A 24 -11.88 -36.65 27.79
CA SER A 24 -11.60 -35.50 28.64
C SER A 24 -10.09 -35.28 28.78
N PRO A 25 -9.63 -34.06 28.51
CA PRO A 25 -8.19 -33.79 28.48
C PRO A 25 -7.59 -33.84 29.87
N PRO A 26 -6.39 -34.40 30.02
CA PRO A 26 -5.77 -34.46 31.35
C PRO A 26 -5.35 -33.07 31.80
N PRO A 27 -5.18 -32.87 33.10
CA PRO A 27 -4.58 -31.61 33.56
C PRO A 27 -3.12 -31.55 33.11
N CYS A 28 -2.58 -30.34 33.14
CA CYS A 28 -1.17 -30.16 32.80
C CYS A 28 -0.27 -30.53 33.95
N GLN A 29 0.95 -30.92 33.61
CA GLN A 29 1.97 -31.10 34.64
C GLN A 29 2.59 -29.77 35.05
N GLY A 30 2.59 -28.76 34.16
CA GLY A 30 3.15 -27.46 34.45
C GLY A 30 2.13 -26.33 34.50
N PRO A 31 2.56 -25.15 34.93
CA PRO A 31 1.63 -24.03 35.09
C PRO A 31 1.41 -23.27 33.80
N ILE A 32 0.28 -22.56 33.75
CA ILE A 32 0.05 -21.49 32.77
C ILE A 32 0.32 -20.18 33.48
N GLU A 33 1.29 -19.41 33.00
CA GLU A 33 1.65 -18.19 33.72
C GLU A 33 2.29 -17.20 32.77
N ILE A 34 2.25 -15.94 33.16
CA ILE A 34 2.92 -14.85 32.46
C ILE A 34 3.89 -14.24 33.45
N LYS A 35 5.16 -14.17 33.06
CA LYS A 35 6.19 -13.71 33.98
C LYS A 35 6.13 -12.20 34.14
N GLU A 36 6.44 -11.73 35.34
CA GLU A 36 6.31 -10.31 35.65
C GLU A 36 7.25 -9.44 34.79
N THR A 37 8.47 -9.93 34.52
CA THR A 37 9.38 -9.15 33.65
C THR A 37 8.76 -8.87 32.29
N PHE A 38 8.07 -9.86 31.72
CA PHE A 38 7.36 -9.61 30.46
C PHE A 38 6.25 -8.60 30.65
N LYS A 39 5.52 -8.67 31.77
CA LYS A 39 4.45 -7.71 32.01
C LYS A 39 4.97 -6.29 32.06
N TYR A 40 6.16 -6.09 32.67
CA TYR A 40 6.71 -4.75 32.72
C TYR A 40 7.03 -4.23 31.32
N ILE A 41 7.75 -5.02 30.53
CA ILE A 41 8.18 -4.58 29.20
C ILE A 41 6.96 -4.33 28.32
N ASN A 42 6.00 -5.28 28.33
CA ASN A 42 4.85 -5.17 27.46
C ASN A 42 3.97 -3.97 27.82
N THR A 43 3.88 -3.63 29.10
CA THR A 43 3.05 -2.50 29.52
C THR A 43 3.70 -1.16 29.16
N VAL A 44 5.03 -1.07 29.26
CA VAL A 44 5.71 0.13 28.79
C VAL A 44 5.45 0.33 27.31
N VAL A 45 5.57 -0.74 26.52
CA VAL A 45 5.28 -0.63 25.09
C VAL A 45 3.83 -0.20 24.86
N SER A 46 2.89 -0.85 25.55
CA SER A 46 1.47 -0.49 25.43
C SER A 46 1.23 0.99 25.71
N CYS A 47 1.85 1.53 26.76
CA CYS A 47 1.62 2.93 27.10
C CYS A 47 2.20 3.87 26.04
N LEU A 48 3.37 3.53 25.49
CA LEU A 48 3.97 4.34 24.44
C LEU A 48 3.13 4.33 23.17
N VAL A 49 2.73 3.14 22.72
CA VAL A 49 1.88 3.03 21.54
C VAL A 49 0.58 3.80 21.75
N PHE A 50 0.00 3.69 22.96
CA PHE A 50 -1.26 4.36 23.26
C PHE A 50 -1.12 5.88 23.19
N VAL A 51 -0.14 6.43 23.91
CA VAL A 51 0.01 7.88 23.97
C VAL A 51 0.37 8.43 22.59
N LEU A 52 1.38 7.82 21.96
CA LEU A 52 1.82 8.27 20.66
C LEU A 52 0.73 8.08 19.60
N GLY A 53 -0.05 7.00 19.69
CA GLY A 53 -1.05 6.76 18.68
C GLY A 53 -2.23 7.73 18.78
N ILE A 54 -2.61 8.08 20.00
CA ILE A 54 -3.71 9.04 20.16
C ILE A 54 -3.28 10.43 19.71
N ILE A 55 -2.05 10.85 20.05
CA ILE A 55 -1.59 12.17 19.63
C ILE A 55 -1.44 12.23 18.11
N GLY A 56 -0.76 11.24 17.53
CA GLY A 56 -0.53 11.27 16.10
C GLY A 56 -1.81 11.26 15.29
N ASN A 57 -2.72 10.33 15.61
CA ASN A 57 -3.95 10.24 14.82
C ASN A 57 -4.89 11.40 15.09
N SER A 58 -4.91 11.94 16.32
CA SER A 58 -5.70 13.13 16.57
C SER A 58 -5.14 14.33 15.80
N THR A 59 -3.82 14.48 15.76
CA THR A 59 -3.23 15.60 15.03
C THR A 59 -3.46 15.46 13.53
N LEU A 60 -3.38 14.23 13.02
CA LEU A 60 -3.67 13.97 11.61
C LEU A 60 -5.09 14.43 11.27
N LEU A 61 -6.06 14.02 12.07
CA LEU A 61 -7.45 14.45 11.84
C LEU A 61 -7.59 15.95 11.90
N TYR A 62 -6.99 16.58 12.91
CA TYR A 62 -7.10 18.04 13.03
C TYR A 62 -6.48 18.74 11.83
N ILE A 63 -5.37 18.21 11.32
CA ILE A 63 -4.75 18.76 10.11
C ILE A 63 -5.73 18.73 8.96
N ILE A 64 -6.45 17.62 8.80
CA ILE A 64 -7.32 17.44 7.63
C ILE A 64 -8.56 18.30 7.78
N TYR A 65 -9.09 18.42 8.99
CA TYR A 65 -10.29 19.24 9.17
C TYR A 65 -9.98 20.74 9.11
N LYS A 66 -8.83 21.16 9.66
CA LYS A 66 -8.55 22.59 9.75
C LYS A 66 -8.22 23.21 8.39
N ASN A 67 -7.65 22.45 7.46
CA ASN A 67 -7.14 23.00 6.22
C ASN A 67 -8.06 22.61 5.06
N LYS A 68 -8.76 23.59 4.50
CA LYS A 68 -9.56 23.34 3.30
C LYS A 68 -8.71 22.81 2.16
N CYS A 69 -7.42 23.14 2.15
CA CYS A 69 -6.49 22.58 1.17
C CYS A 69 -6.18 21.11 1.38
N MET A 70 -6.53 20.54 2.53
CA MET A 70 -6.27 19.14 2.81
C MET A 70 -7.51 18.27 2.67
N ARG A 71 -8.61 18.80 2.15
CA ARG A 71 -9.86 18.05 2.08
C ARG A 71 -10.10 17.65 0.63
N ASN A 72 -9.53 16.52 0.24
CA ASN A 72 -9.74 15.94 -1.08
C ASN A 72 -10.13 14.47 -0.94
N GLY A 73 -10.21 13.76 -2.07
CA GLY A 73 -10.50 12.35 -2.09
C GLY A 73 -9.62 11.51 -1.17
N PRO A 74 -8.31 11.48 -1.42
CA PRO A 74 -7.43 10.60 -0.62
C PRO A 74 -7.34 11.00 0.84
N ASN A 75 -7.35 12.29 1.17
CA ASN A 75 -7.14 12.68 2.56
C ASN A 75 -8.38 12.42 3.41
N ILE A 76 -9.56 12.38 2.78
CA ILE A 76 -10.76 11.97 3.51
C ILE A 76 -10.70 10.47 3.79
N LEU A 77 -10.17 9.69 2.84
CA LEU A 77 -9.91 8.28 3.10
C LEU A 77 -8.88 8.11 4.20
N ILE A 78 -7.85 8.96 4.21
CA ILE A 78 -6.87 8.93 5.30
C ILE A 78 -7.52 9.31 6.61
N ALA A 79 -8.47 10.25 6.59
CA ALA A 79 -9.23 10.58 7.77
C ALA A 79 -10.00 9.38 8.29
N SER A 80 -10.59 8.58 7.39
CA SER A 80 -11.27 7.37 7.82
C SER A 80 -10.29 6.38 8.46
N LEU A 81 -9.11 6.20 7.85
CA LEU A 81 -8.06 5.38 8.44
C LEU A 81 -7.66 5.89 9.82
N ALA A 82 -7.48 7.20 9.98
CA ALA A 82 -7.05 7.76 11.26
C ALA A 82 -8.11 7.55 12.34
N LEU A 83 -9.39 7.69 11.99
CA LEU A 83 -10.45 7.42 12.94
C LEU A 83 -10.47 5.95 13.33
N GLY A 84 -10.25 5.06 12.36
CA GLY A 84 -10.13 3.65 12.67
C GLY A 84 -8.96 3.36 13.59
N ASP A 85 -7.81 4.02 13.34
CA ASP A 85 -6.65 3.91 14.22
C ASP A 85 -7.00 4.27 15.66
N LEU A 86 -7.68 5.41 15.85
CA LEU A 86 -8.04 5.87 17.18
C LEU A 86 -9.02 4.92 17.84
N LEU A 87 -10.03 4.47 17.08
CA LEU A 87 -10.99 3.50 17.62
C LEU A 87 -10.28 2.23 18.07
N HIS A 88 -9.39 1.73 17.22
CA HIS A 88 -8.68 0.50 17.52
C HIS A 88 -7.81 0.65 18.76
N ILE A 89 -7.06 1.75 18.85
CA ILE A 89 -6.14 1.93 19.96
C ILE A 89 -6.91 2.00 21.27
N VAL A 90 -8.03 2.74 21.28
CA VAL A 90 -8.81 2.94 22.49
C VAL A 90 -9.53 1.65 22.91
N ILE A 91 -9.94 0.82 21.96
CA ILE A 91 -10.68 -0.38 22.32
C ILE A 91 -9.74 -1.55 22.62
N ALA A 92 -8.54 -1.57 22.03
CA ALA A 92 -7.67 -2.73 22.14
C ALA A 92 -6.60 -2.61 23.22
N ILE A 93 -6.06 -1.42 23.47
CA ILE A 93 -4.90 -1.36 24.37
C ILE A 93 -5.35 -1.32 25.84
N PRO A 94 -6.25 -0.41 26.25
CA PRO A 94 -6.55 -0.34 27.69
C PRO A 94 -7.08 -1.63 28.27
N ILE A 95 -8.02 -2.30 27.57
CA ILE A 95 -8.59 -3.53 28.09
C ILE A 95 -7.55 -4.65 28.14
N ASN A 96 -6.61 -4.68 27.19
CA ASN A 96 -5.61 -5.74 27.23
C ASN A 96 -4.48 -5.44 28.22
N VAL A 97 -4.18 -4.15 28.49
CA VAL A 97 -3.31 -3.83 29.61
C VAL A 97 -3.94 -4.30 30.92
N TYR A 98 -5.24 -4.03 31.09
CA TYR A 98 -5.94 -4.45 32.28
C TYR A 98 -5.93 -5.96 32.44
N LYS A 99 -6.20 -6.70 31.36
CA LYS A 99 -6.21 -8.16 31.47
C LYS A 99 -4.84 -8.69 31.86
N LEU A 100 -3.78 -8.06 31.34
CA LEU A 100 -2.44 -8.54 31.63
C LEU A 100 -2.10 -8.34 33.09
N LEU A 101 -2.49 -7.21 33.67
CA LEU A 101 -2.06 -6.88 35.02
C LEU A 101 -3.03 -7.36 36.10
N ALA A 102 -4.33 -7.37 35.82
CA ALA A 102 -5.34 -7.75 36.80
C ALA A 102 -5.78 -9.19 36.67
N GLU A 103 -5.59 -9.81 35.50
CA GLU A 103 -5.88 -11.22 35.27
C GLU A 103 -7.32 -11.54 35.63
N ASP A 104 -8.23 -10.69 35.17
CA ASP A 104 -9.58 -10.68 35.69
C ASP A 104 -10.51 -10.03 34.67
N TRP A 105 -11.82 -10.25 34.86
CA TRP A 105 -12.85 -9.57 34.07
C TRP A 105 -13.95 -9.07 35.00
N PRO A 106 -13.91 -7.80 35.38
CA PRO A 106 -14.95 -7.23 36.25
C PRO A 106 -16.12 -6.58 35.51
N PHE A 107 -16.11 -6.49 34.18
CA PHE A 107 -16.99 -5.56 33.48
C PHE A 107 -18.33 -6.14 33.05
N GLY A 108 -18.60 -7.41 33.30
CA GLY A 108 -19.89 -7.97 32.95
C GLY A 108 -19.97 -8.44 31.50
N ALA A 109 -21.09 -9.10 31.18
CA ALA A 109 -21.23 -9.79 29.91
C ALA A 109 -21.40 -8.81 28.76
N GLU A 110 -22.09 -7.69 28.98
CA GLU A 110 -22.33 -6.75 27.90
C GLU A 110 -21.02 -6.20 27.34
N MET A 111 -20.10 -5.81 28.24
CA MET A 111 -18.79 -5.37 27.80
C MET A 111 -17.98 -6.53 27.23
N CYS A 112 -18.17 -7.74 27.75
CA CYS A 112 -17.53 -8.92 27.16
C CYS A 112 -17.87 -9.06 25.69
N LYS A 113 -19.09 -8.68 25.30
CA LYS A 113 -19.49 -8.79 23.90
C LYS A 113 -19.11 -7.54 23.10
N LEU A 114 -19.23 -6.35 23.72
CA LEU A 114 -19.07 -5.10 22.99
C LEU A 114 -17.61 -4.83 22.62
N VAL A 115 -16.69 -5.16 23.53
CA VAL A 115 -15.27 -4.83 23.28
C VAL A 115 -14.73 -5.55 22.05
N PRO A 116 -14.81 -6.89 21.94
CA PRO A 116 -14.32 -7.53 20.70
C PRO A 116 -15.14 -7.14 19.49
N PHE A 117 -16.43 -6.82 19.64
CA PHE A 117 -17.22 -6.33 18.51
C PHE A 117 -16.63 -5.03 17.97
N ILE A 118 -16.47 -4.02 18.83
CA ILE A 118 -15.90 -2.75 18.38
C ILE A 118 -14.48 -2.95 17.87
N GLN A 119 -13.72 -3.83 18.52
CA GLN A 119 -12.36 -4.10 18.09
C GLN A 119 -12.32 -4.58 16.63
N LYS A 120 -13.16 -5.55 16.28
CA LYS A 120 -13.13 -6.04 14.90
C LYS A 120 -13.73 -5.04 13.92
N ALA A 121 -14.71 -4.25 14.36
CA ALA A 121 -15.21 -3.18 13.51
C ALA A 121 -14.08 -2.23 13.14
N SER A 122 -13.25 -1.87 14.12
CA SER A 122 -12.19 -0.90 13.85
C SER A 122 -11.10 -1.48 12.96
N VAL A 123 -10.85 -2.79 13.08
CA VAL A 123 -9.92 -3.46 12.16
C VAL A 123 -10.49 -3.44 10.74
N GLY A 124 -11.79 -3.72 10.60
CA GLY A 124 -12.41 -3.63 9.29
C GLY A 124 -12.24 -2.26 8.66
N ILE A 125 -12.52 -1.20 9.43
CA ILE A 125 -12.38 0.17 8.92
C ILE A 125 -10.94 0.42 8.46
N THR A 126 -9.97 -0.01 9.27
CA THR A 126 -8.56 0.14 8.93
C THR A 126 -8.22 -0.51 7.60
N VAL A 127 -8.55 -1.81 7.44
CA VAL A 127 -8.08 -2.52 6.26
C VAL A 127 -8.86 -2.09 5.02
N LEU A 128 -10.17 -1.85 5.17
CA LEU A 128 -10.93 -1.37 4.02
C LEU A 128 -10.56 0.06 3.63
N SER A 129 -10.17 0.89 4.61
CA SER A 129 -9.72 2.25 4.27
C SER A 129 -8.37 2.20 3.53
N LEU A 130 -7.47 1.32 3.97
CA LEU A 130 -6.20 1.13 3.26
C LEU A 130 -6.46 0.66 1.83
N CYS A 131 -7.31 -0.35 1.67
CA CYS A 131 -7.71 -0.81 0.35
C CYS A 131 -8.25 0.34 -0.50
N ALA A 132 -9.20 1.11 0.07
CA ALA A 132 -9.78 2.22 -0.68
C ALA A 132 -8.72 3.24 -1.09
N LEU A 133 -7.72 3.48 -0.24
CA LEU A 133 -6.70 4.45 -0.59
C LEU A 133 -5.83 3.98 -1.76
N SER A 134 -5.51 2.68 -1.77
CA SER A 134 -4.67 2.15 -2.85
C SER A 134 -5.39 2.21 -4.20
N ILE A 135 -6.71 1.97 -4.19
CA ILE A 135 -7.51 2.08 -5.41
C ILE A 135 -7.63 3.54 -5.84
N ASP A 136 -7.83 4.44 -4.88
CA ASP A 136 -7.98 5.86 -5.20
C ASP A 136 -6.69 6.43 -5.80
N ARG A 137 -5.54 6.01 -5.28
CA ARG A 137 -4.27 6.50 -5.80
C ARG A 137 -4.00 5.95 -7.20
N TYR A 138 -4.39 4.69 -7.45
CA TYR A 138 -4.31 4.14 -8.80
C TYR A 138 -5.20 4.92 -9.76
N ARG A 139 -6.46 5.15 -9.37
CA ARG A 139 -7.38 5.91 -10.22
C ARG A 139 -6.83 7.31 -10.51
N ALA A 140 -6.17 7.91 -9.52
CA ALA A 140 -5.64 9.26 -9.70
C ALA A 140 -4.56 9.31 -10.79
N VAL A 141 -3.76 8.25 -10.91
CA VAL A 141 -2.75 8.17 -11.96
C VAL A 141 -3.36 7.74 -13.28
N ALA A 142 -4.30 6.79 -13.27
CA ALA A 142 -4.74 6.17 -14.51
C ALA A 142 -5.85 6.94 -15.23
N SER A 143 -6.70 7.66 -14.50
CA SER A 143 -7.86 8.27 -15.14
C SER A 143 -7.45 9.57 -15.82
N TRP A 144 -7.80 9.72 -17.10
CA TRP A 144 -7.55 11.00 -17.77
C TRP A 144 -8.73 11.94 -17.67
N SER A 145 -9.91 11.45 -17.34
CA SER A 145 -11.08 12.32 -17.23
C SER A 145 -11.30 12.85 -15.82
N ARG A 146 -10.67 12.25 -14.82
CA ARG A 146 -10.76 12.77 -13.46
C ARG A 146 -10.43 14.25 -13.43
N ILE A 147 -11.35 15.06 -12.92
CA ILE A 147 -11.11 16.50 -12.84
C ILE A 147 -10.17 16.78 -11.67
N LYS A 148 -9.06 17.43 -11.98
CA LYS A 148 -8.07 17.80 -10.97
C LYS A 148 -8.56 19.01 -10.20
N GLY A 149 -8.51 18.93 -8.88
CA GLY A 149 -9.04 19.98 -8.04
C GLY A 149 -9.19 19.52 -6.61
N ILE A 150 -9.74 20.42 -5.79
CA ILE A 150 -9.78 20.23 -4.34
C ILE A 150 -11.00 19.44 -3.87
N GLY A 151 -11.89 19.06 -4.78
CA GLY A 151 -13.18 18.53 -4.36
C GLY A 151 -13.10 17.18 -3.67
N VAL A 152 -14.14 16.89 -2.89
CA VAL A 152 -14.35 15.57 -2.30
C VAL A 152 -15.47 14.91 -3.09
N PRO A 153 -15.19 13.90 -3.93
CA PRO A 153 -16.22 13.37 -4.83
C PRO A 153 -17.45 12.87 -4.09
N LYS A 154 -18.60 13.01 -4.76
CA LYS A 154 -19.85 12.50 -4.23
C LYS A 154 -19.72 11.04 -3.81
N TRP A 155 -19.05 10.24 -4.62
CA TRP A 155 -19.00 8.80 -4.38
C TRP A 155 -18.14 8.45 -3.18
N THR A 156 -17.15 9.28 -2.85
CA THR A 156 -16.27 8.96 -1.72
C THR A 156 -17.04 9.02 -0.40
N ALA A 157 -18.00 9.93 -0.30
CA ALA A 157 -18.83 10.01 0.90
C ALA A 157 -19.58 8.70 1.14
N VAL A 158 -20.23 8.16 0.09
CA VAL A 158 -20.95 6.90 0.24
C VAL A 158 -19.96 5.75 0.35
N GLU A 159 -18.79 5.88 -0.27
CA GLU A 159 -17.74 4.87 -0.16
C GLU A 159 -17.36 4.64 1.30
N ILE A 160 -17.22 5.72 2.07
CA ILE A 160 -16.78 5.61 3.45
C ILE A 160 -17.91 5.09 4.33
N VAL A 161 -19.14 5.55 4.10
CA VAL A 161 -20.28 5.02 4.85
C VAL A 161 -20.37 3.52 4.67
N LEU A 162 -20.15 3.02 3.45
CA LEU A 162 -20.24 1.60 3.19
C LEU A 162 -19.11 0.84 3.88
N ILE A 163 -17.91 1.40 3.87
CA ILE A 163 -16.78 0.83 4.60
C ILE A 163 -17.14 0.63 6.06
N TRP A 164 -17.75 1.65 6.68
CA TRP A 164 -18.07 1.56 8.10
C TRP A 164 -19.23 0.62 8.35
N VAL A 165 -20.25 0.63 7.49
CA VAL A 165 -21.39 -0.26 7.70
C VAL A 165 -20.96 -1.71 7.56
N VAL A 166 -20.19 -2.01 6.51
CA VAL A 166 -19.68 -3.37 6.28
C VAL A 166 -18.79 -3.82 7.44
N SER A 167 -17.86 -2.96 7.87
CA SER A 167 -16.98 -3.31 8.98
C SER A 167 -17.79 -3.66 10.22
N VAL A 168 -18.84 -2.89 10.49
CA VAL A 168 -19.69 -3.15 11.64
C VAL A 168 -20.44 -4.47 11.48
N VAL A 169 -21.03 -4.71 10.31
CA VAL A 169 -21.82 -5.93 10.12
C VAL A 169 -20.94 -7.17 10.26
N LEU A 170 -19.73 -7.13 9.68
CA LEU A 170 -18.84 -8.29 9.72
C LEU A 170 -18.36 -8.62 11.13
N ALA A 171 -18.43 -7.66 12.05
CA ALA A 171 -18.02 -7.87 13.42
C ALA A 171 -19.13 -8.43 14.31
N VAL A 172 -20.37 -8.51 13.80
CA VAL A 172 -21.49 -8.95 14.64
C VAL A 172 -21.25 -10.31 15.27
N PRO A 173 -20.65 -11.31 14.59
CA PRO A 173 -20.46 -12.61 15.27
C PRO A 173 -19.68 -12.52 16.57
N GLU A 174 -18.81 -11.52 16.73
CA GLU A 174 -18.10 -11.36 18.00
C GLU A 174 -19.06 -11.05 19.14
N ALA A 175 -20.06 -10.19 18.88
CA ALA A 175 -21.02 -9.82 19.92
C ALA A 175 -21.97 -10.96 20.25
N ILE A 176 -22.22 -11.86 19.29
CA ILE A 176 -23.07 -13.01 19.57
C ILE A 176 -22.28 -14.09 20.29
N GLY A 177 -21.02 -14.29 19.91
CA GLY A 177 -20.28 -15.45 20.38
C GLY A 177 -19.60 -15.28 21.72
N PHE A 178 -19.12 -14.09 22.05
CA PHE A 178 -18.47 -13.88 23.33
C PHE A 178 -19.50 -13.89 24.45
N ASP A 179 -19.08 -14.41 25.60
CA ASP A 179 -19.94 -14.42 26.78
C ASP A 179 -19.06 -14.76 27.98
N ILE A 180 -19.64 -14.59 29.15
CA ILE A 180 -18.98 -14.98 30.40
C ILE A 180 -19.39 -16.40 30.73
N ILE A 181 -18.41 -17.27 30.93
CA ILE A 181 -18.65 -18.60 31.47
C ILE A 181 -17.97 -18.70 32.81
N THR A 182 -18.38 -19.69 33.58
CA THR A 182 -17.77 -19.98 34.87
C THR A 182 -17.18 -21.38 34.86
N MET A 183 -16.08 -21.55 35.56
CA MET A 183 -15.55 -22.89 35.80
C MET A 183 -14.88 -22.91 37.15
N ASP A 184 -14.81 -24.11 37.72
CA ASP A 184 -13.91 -24.38 38.83
C ASP A 184 -12.61 -24.91 38.24
N TYR A 185 -11.51 -24.27 38.58
CA TYR A 185 -10.21 -24.62 38.03
C TYR A 185 -9.36 -24.96 39.25
N LYS A 186 -9.21 -26.26 39.51
CA LYS A 186 -8.39 -26.79 40.60
C LYS A 186 -8.68 -26.08 41.91
N GLY A 187 -9.97 -25.97 42.24
CA GLY A 187 -10.33 -25.36 43.50
C GLY A 187 -10.92 -23.97 43.40
N SER A 188 -10.43 -23.15 42.48
CA SER A 188 -10.78 -21.73 42.46
C SER A 188 -11.82 -21.44 41.39
N TYR A 189 -12.79 -20.61 41.74
CA TYR A 189 -13.89 -20.24 40.86
C TYR A 189 -13.46 -19.09 39.95
N LEU A 190 -13.68 -19.25 38.64
CA LEU A 190 -13.26 -18.26 37.66
C LEU A 190 -14.43 -17.86 36.79
N ARG A 191 -14.50 -16.57 36.49
CA ARG A 191 -15.42 -16.01 35.51
C ARG A 191 -14.59 -15.54 34.33
N ILE A 192 -14.87 -16.09 33.14
CA ILE A 192 -14.00 -15.95 31.99
C ILE A 192 -14.79 -15.37 30.83
N CYS A 193 -14.32 -14.26 30.29
CA CYS A 193 -14.87 -13.71 29.06
C CYS A 193 -14.13 -14.32 27.87
N LEU A 194 -14.88 -14.98 26.99
CA LEU A 194 -14.23 -15.60 25.84
C LEU A 194 -15.29 -15.92 24.79
N LEU A 195 -14.81 -16.34 23.64
CA LEU A 195 -15.64 -16.88 22.56
C LEU A 195 -15.98 -18.31 22.97
N HIS A 196 -17.11 -18.49 23.62
CA HIS A 196 -17.28 -19.70 24.42
C HIS A 196 -17.42 -20.92 23.53
N PRO A 197 -16.83 -22.05 23.92
CA PRO A 197 -17.14 -23.30 23.24
C PRO A 197 -18.63 -23.58 23.37
N VAL A 198 -19.13 -24.46 22.50
CA VAL A 198 -20.57 -24.72 22.43
C VAL A 198 -21.26 -23.41 22.08
N GLN A 199 -21.23 -23.05 20.81
CA GLN A 199 -22.10 -21.99 20.34
C GLN A 199 -23.49 -22.57 20.09
N LYS A 200 -24.49 -21.70 20.06
CA LYS A 200 -25.88 -22.16 20.05
C LYS A 200 -26.38 -22.54 18.66
N THR A 201 -25.89 -21.93 17.59
CA THR A 201 -26.41 -22.23 16.26
C THR A 201 -25.31 -22.79 15.37
N ALA A 202 -25.72 -23.38 14.25
CA ALA A 202 -24.76 -24.01 13.34
C ALA A 202 -23.78 -23.00 12.79
N PHE A 203 -24.29 -21.81 12.43
CA PHE A 203 -23.42 -20.76 11.92
C PHE A 203 -22.38 -20.35 12.95
N MET A 204 -22.83 -20.12 14.19
CA MET A 204 -21.91 -19.66 15.22
C MET A 204 -20.92 -20.74 15.61
N GLN A 205 -21.33 -22.01 15.57
CA GLN A 205 -20.37 -23.10 15.78
C GLN A 205 -19.25 -23.04 14.77
N PHE A 206 -19.62 -22.91 13.49
CA PHE A 206 -18.65 -22.80 12.40
C PHE A 206 -17.74 -21.59 12.59
N TYR A 207 -18.32 -20.43 12.94
CA TYR A 207 -17.53 -19.24 13.22
C TYR A 207 -16.50 -19.53 14.31
N ALA A 208 -16.91 -20.20 15.38
CA ALA A 208 -15.99 -20.48 16.48
C ALA A 208 -14.79 -21.31 16.00
N THR A 209 -15.02 -22.26 15.08
CA THR A 209 -13.90 -23.07 14.61
C THR A 209 -13.10 -22.38 13.52
N ALA A 210 -13.69 -21.49 12.73
CA ALA A 210 -13.00 -20.91 11.58
C ALA A 210 -12.53 -19.47 11.79
N LYS A 211 -12.85 -18.85 12.93
CA LYS A 211 -12.67 -17.40 13.09
C LYS A 211 -11.27 -16.95 12.73
N ASP A 212 -10.25 -17.68 13.17
CA ASP A 212 -8.89 -17.19 12.98
C ASP A 212 -8.40 -17.40 11.56
N TRP A 213 -8.90 -18.41 10.85
CA TRP A 213 -8.64 -18.47 9.40
C TRP A 213 -9.42 -17.39 8.67
N TRP A 214 -10.62 -17.08 9.13
CA TRP A 214 -11.41 -15.98 8.57
C TRP A 214 -10.68 -14.65 8.75
N LEU A 215 -10.14 -14.40 9.95
CA LEU A 215 -9.43 -13.13 10.17
C LEU A 215 -8.14 -13.07 9.37
N PHE A 216 -7.42 -14.19 9.29
CA PHE A 216 -6.19 -14.22 8.50
C PHE A 216 -6.47 -14.00 7.02
N SER A 217 -7.55 -14.58 6.51
CA SER A 217 -7.90 -14.48 5.09
C SER A 217 -8.43 -13.10 4.75
N PHE A 218 -9.49 -12.68 5.44
CA PHE A 218 -10.21 -11.49 5.02
C PHE A 218 -9.59 -10.22 5.55
N TYR A 219 -8.93 -10.27 6.71
CA TYR A 219 -8.38 -9.06 7.31
C TYR A 219 -6.88 -8.94 7.17
N PHE A 220 -6.21 -9.91 6.56
CA PHE A 220 -4.77 -9.80 6.34
C PHE A 220 -4.40 -10.14 4.91
N CYS A 221 -4.61 -11.39 4.49
CA CYS A 221 -4.21 -11.81 3.15
C CYS A 221 -4.96 -11.04 2.07
N LEU A 222 -6.29 -10.88 2.22
CA LEU A 222 -7.07 -10.24 1.17
C LEU A 222 -6.71 -8.76 1.01
N PRO A 223 -6.62 -7.94 2.06
CA PRO A 223 -6.18 -6.54 1.84
C PRO A 223 -4.73 -6.44 1.38
N LEU A 224 -3.86 -7.36 1.79
CA LEU A 224 -2.50 -7.36 1.25
C LEU A 224 -2.51 -7.63 -0.24
N ALA A 225 -3.30 -8.62 -0.68
CA ALA A 225 -3.38 -8.90 -2.11
C ALA A 225 -3.99 -7.72 -2.87
N ILE A 226 -5.03 -7.10 -2.32
CA ILE A 226 -5.71 -6.04 -3.04
C ILE A 226 -4.80 -4.81 -3.18
N THR A 227 -4.14 -4.40 -2.09
CA THR A 227 -3.29 -3.21 -2.16
C THR A 227 -2.03 -3.47 -2.98
N ALA A 228 -1.47 -4.69 -2.90
CA ALA A 228 -0.31 -5.01 -3.73
C ALA A 228 -0.68 -5.01 -5.20
N PHE A 229 -1.89 -5.50 -5.52
CA PHE A 229 -2.36 -5.48 -6.91
C PHE A 229 -2.52 -4.05 -7.42
N PHE A 230 -3.20 -3.20 -6.66
CA PHE A 230 -3.43 -1.84 -7.15
C PHE A 230 -2.17 -1.02 -7.12
N TYR A 231 -1.29 -1.28 -6.14
CA TYR A 231 0.02 -0.63 -6.13
C TYR A 231 0.80 -1.01 -7.38
N THR A 232 0.77 -2.29 -7.78
CA THR A 232 1.49 -2.71 -8.97
C THR A 232 0.89 -2.09 -10.23
N LEU A 233 -0.45 -2.08 -10.36
CA LEU A 233 -1.07 -1.40 -11.50
C LEU A 233 -0.65 0.06 -11.54
N MET A 234 -0.61 0.70 -10.37
CA MET A 234 -0.31 2.12 -10.29
C MET A 234 1.14 2.41 -10.70
N THR A 235 2.09 1.61 -10.20
CA THR A 235 3.49 1.88 -10.54
C THR A 235 3.79 1.54 -12.00
N CYS A 236 3.17 0.49 -12.55
CA CYS A 236 3.23 0.26 -13.99
CA CYS A 236 3.23 0.26 -13.99
C CYS A 236 2.73 1.48 -14.76
N GLU A 237 1.61 2.06 -14.33
CA GLU A 237 1.08 3.23 -15.02
C GLU A 237 1.99 4.43 -14.83
N MET A 238 2.55 4.59 -13.63
CA MET A 238 3.47 5.70 -13.42
C MET A 238 4.70 5.61 -14.33
N LEU A 239 5.17 4.39 -14.62
CA LEU A 239 6.29 4.25 -15.56
C LEU A 239 5.94 4.84 -16.94
N ARG A 240 4.74 4.54 -17.46
CA ARG A 240 4.32 5.09 -18.74
C ARG A 240 4.18 6.60 -18.68
N LYS A 241 3.64 7.14 -17.58
CA LYS A 241 3.56 8.58 -17.41
C LYS A 241 4.96 9.20 -17.43
N ASN A 242 5.93 8.54 -16.79
CA ASN A 242 7.27 9.11 -16.72
C ASN A 242 7.93 9.15 -18.09
N ILE A 243 7.75 8.10 -18.90
CA ILE A 243 8.31 8.11 -20.26
C ILE A 243 7.68 9.23 -21.07
N PHE A 244 6.37 9.42 -20.94
CA PHE A 244 5.70 10.54 -21.57
C PHE A 244 6.31 11.87 -21.14
N GLU A 245 6.51 12.06 -19.83
CA GLU A 245 7.03 13.33 -19.34
C GLU A 245 8.47 13.55 -19.81
N MET A 246 9.24 12.46 -19.86
CA MET A 246 10.62 12.54 -20.33
C MET A 246 10.68 13.02 -21.78
N LEU A 247 9.90 12.39 -22.66
CA LEU A 247 9.95 12.78 -24.07
C LEU A 247 9.26 14.11 -24.31
N ARG A 248 8.27 14.45 -23.48
CA ARG A 248 7.71 15.80 -23.57
C ARG A 248 8.76 16.87 -23.27
N ILE A 249 9.59 16.64 -22.24
CA ILE A 249 10.68 17.58 -21.93
C ILE A 249 11.68 17.64 -23.07
N ASP A 250 12.03 16.49 -23.65
CA ASP A 250 13.09 16.47 -24.66
C ASP A 250 12.61 16.84 -26.07
N GLU A 251 11.37 16.48 -26.45
CA GLU A 251 10.89 16.74 -27.81
C GLU A 251 9.69 17.66 -27.88
N GLY A 252 9.15 18.09 -26.74
CA GLY A 252 8.00 18.98 -26.73
C GLY A 252 6.70 18.23 -26.98
N LEU A 253 5.60 18.75 -26.47
CA LEU A 253 4.26 18.29 -26.82
C LEU A 253 3.63 19.33 -27.75
N ARG A 254 3.50 19.00 -29.03
CA ARG A 254 2.99 19.95 -30.02
C ARG A 254 1.61 19.49 -30.48
N LEU A 255 0.58 20.23 -30.11
CA LEU A 255 -0.80 19.85 -30.41
C LEU A 255 -1.23 20.28 -31.82
N LYS A 256 -0.42 21.12 -32.48
CA LYS A 256 -0.65 21.53 -33.86
C LYS A 256 0.43 20.94 -34.78
N ILE A 257 0.03 20.56 -35.99
CA ILE A 257 1.00 20.11 -36.98
C ILE A 257 2.12 21.14 -37.11
N TYR A 258 3.38 20.67 -37.12
CA TYR A 258 4.54 21.52 -37.30
C TYR A 258 5.54 20.77 -38.18
N LYS A 259 6.63 21.43 -38.56
CA LYS A 259 7.66 20.80 -39.38
C LYS A 259 8.87 20.49 -38.51
N ASP A 260 9.33 19.24 -38.56
CA ASP A 260 10.50 18.87 -37.78
C ASP A 260 11.75 19.50 -38.41
N THR A 261 12.92 19.22 -37.83
CA THR A 261 14.15 19.82 -38.31
C THR A 261 14.46 19.46 -39.75
N GLU A 262 13.93 18.34 -40.26
CA GLU A 262 14.14 17.98 -41.66
C GLU A 262 13.03 18.50 -42.58
N GLY A 263 12.02 19.17 -42.04
CA GLY A 263 10.96 19.75 -42.84
C GLY A 263 9.69 18.94 -42.94
N TYR A 264 9.57 17.85 -42.19
CA TYR A 264 8.46 16.91 -42.33
C TYR A 264 7.35 17.22 -41.33
N TYR A 265 6.10 17.06 -41.78
CA TYR A 265 4.95 17.34 -40.93
C TYR A 265 4.88 16.36 -39.78
N THR A 266 4.74 16.90 -38.56
CA THR A 266 4.85 16.14 -37.33
C THR A 266 3.82 16.69 -36.36
N ILE A 267 3.45 15.89 -35.36
CA ILE A 267 2.52 16.34 -34.34
C ILE A 267 2.79 15.58 -33.04
N GLY A 268 2.21 16.07 -31.95
CA GLY A 268 2.31 15.37 -30.68
C GLY A 268 3.74 15.39 -30.19
N ILE A 269 4.21 14.24 -29.72
CA ILE A 269 5.58 14.10 -29.24
C ILE A 269 6.33 13.40 -30.37
N GLY A 270 6.81 14.20 -31.33
CA GLY A 270 7.63 13.72 -32.42
C GLY A 270 6.98 12.67 -33.31
N HIS A 271 5.66 12.71 -33.48
CA HIS A 271 4.98 11.71 -34.32
C HIS A 271 4.98 12.20 -35.76
N LEU A 272 5.81 11.58 -36.59
CA LEU A 272 5.87 11.94 -38.02
C LEU A 272 4.57 11.53 -38.71
N LEU A 273 3.97 12.47 -39.44
CA LEU A 273 2.73 12.17 -40.13
C LEU A 273 2.95 11.71 -41.57
N THR A 274 3.87 12.33 -42.29
CA THR A 274 4.18 12.02 -43.68
C THR A 274 5.41 12.82 -44.08
N LYS A 275 6.13 12.31 -45.09
CA LYS A 275 7.22 13.08 -45.67
C LYS A 275 6.78 13.86 -46.89
N SER A 276 5.50 13.75 -47.27
CA SER A 276 4.97 14.53 -48.39
C SER A 276 4.98 16.01 -48.05
N PRO A 277 5.27 16.89 -49.02
CA PRO A 277 5.21 18.33 -48.77
C PRO A 277 3.79 18.89 -48.67
N SER A 278 2.75 18.05 -48.80
CA SER A 278 1.37 18.51 -48.79
C SER A 278 0.84 18.55 -47.37
N LEU A 279 0.47 19.75 -46.91
CA LEU A 279 -0.16 19.87 -45.60
C LEU A 279 -1.48 19.10 -45.57
N ASN A 280 -2.24 19.13 -46.67
CA ASN A 280 -3.49 18.37 -46.72
C ASN A 280 -3.24 16.88 -46.58
N ALA A 281 -2.14 16.37 -47.15
CA ALA A 281 -1.81 14.95 -46.97
C ALA A 281 -1.49 14.64 -45.52
N ALA A 282 -0.81 15.56 -44.82
CA ALA A 282 -0.53 15.35 -43.41
C ALA A 282 -1.81 15.37 -42.61
N LYS A 283 -2.73 16.26 -42.96
CA LYS A 283 -4.00 16.35 -42.26
C LYS A 283 -4.84 15.09 -42.43
N SER A 284 -4.81 14.49 -43.63
CA SER A 284 -5.63 13.31 -43.86
C SER A 284 -5.06 12.10 -43.12
N GLU A 285 -3.73 11.98 -43.05
CA GLU A 285 -3.12 10.97 -42.19
C GLU A 285 -3.51 11.19 -40.74
N LEU A 286 -3.41 12.44 -40.27
CA LEU A 286 -3.75 12.74 -38.89
C LEU A 286 -5.19 12.36 -38.58
N ASP A 287 -6.12 12.73 -39.46
CA ASP A 287 -7.53 12.38 -39.26
C ASP A 287 -7.71 10.87 -39.22
N LYS A 288 -6.97 10.13 -40.06
CA LYS A 288 -7.04 8.67 -40.03
C LYS A 288 -6.58 8.12 -38.69
N ALA A 289 -5.49 8.67 -38.14
CA ALA A 289 -4.93 8.13 -36.90
C ALA A 289 -5.76 8.51 -35.69
N ILE A 290 -6.55 9.59 -35.77
CA ILE A 290 -7.29 10.04 -34.60
C ILE A 290 -8.72 9.55 -34.68
N GLY A 291 -9.24 9.41 -35.91
CA GLY A 291 -10.61 9.03 -36.13
C GLY A 291 -11.60 10.16 -36.07
N ARG A 292 -11.16 11.39 -36.29
CA ARG A 292 -12.07 12.51 -36.43
C ARG A 292 -11.42 13.55 -37.34
N ASN A 293 -12.18 14.60 -37.64
CA ASN A 293 -11.71 15.73 -38.44
C ASN A 293 -10.99 16.70 -37.50
N THR A 294 -9.65 16.66 -37.52
CA THR A 294 -8.87 17.47 -36.59
C THR A 294 -8.47 18.84 -37.14
N ASN A 295 -8.50 19.03 -38.47
CA ASN A 295 -7.87 20.16 -39.13
C ASN A 295 -6.49 20.46 -38.55
N GLY A 296 -5.73 19.41 -38.25
CA GLY A 296 -4.35 19.56 -37.81
C GLY A 296 -4.14 19.90 -36.36
N VAL A 297 -5.17 19.81 -35.51
CA VAL A 297 -5.04 20.12 -34.09
C VAL A 297 -5.61 18.96 -33.27
N ILE A 298 -4.84 18.44 -32.32
CA ILE A 298 -5.29 17.34 -31.47
C ILE A 298 -5.24 17.76 -30.00
N THR A 299 -5.89 16.96 -29.16
CA THR A 299 -5.82 17.18 -27.73
C THR A 299 -4.58 16.51 -27.14
N LYS A 300 -4.25 16.91 -25.91
CA LYS A 300 -3.17 16.26 -25.20
C LYS A 300 -3.46 14.76 -24.97
N ASP A 301 -4.70 14.42 -24.60
CA ASP A 301 -5.06 12.98 -24.49
C ASP A 301 -4.82 12.24 -25.80
N GLU A 302 -5.20 12.84 -26.93
CA GLU A 302 -4.94 12.22 -28.23
C GLU A 302 -3.43 12.06 -28.47
N ALA A 303 -2.65 13.10 -28.16
CA ALA A 303 -1.20 13.00 -28.32
C ALA A 303 -0.61 11.93 -27.40
N GLU A 304 -1.18 11.76 -26.20
CA GLU A 304 -0.62 10.76 -25.29
C GLU A 304 -0.90 9.33 -25.80
N LYS A 305 -2.10 9.08 -26.34
CA LYS A 305 -2.37 7.77 -26.94
C LYS A 305 -1.48 7.50 -28.15
N LEU A 306 -1.32 8.51 -29.01
CA LEU A 306 -0.37 8.40 -30.13
C LEU A 306 1.02 8.07 -29.63
N PHE A 307 1.49 8.79 -28.61
CA PHE A 307 2.82 8.56 -28.06
C PHE A 307 2.97 7.14 -27.51
N ASN A 308 1.94 6.64 -26.80
CA ASN A 308 2.06 5.31 -26.23
C ASN A 308 2.18 4.25 -27.33
N GLN A 309 1.46 4.44 -28.45
CA GLN A 309 1.62 3.53 -29.59
C GLN A 309 3.01 3.66 -30.20
N ASP A 310 3.52 4.89 -30.32
CA ASP A 310 4.88 5.08 -30.82
C ASP A 310 5.91 4.38 -29.93
N VAL A 311 5.71 4.42 -28.61
CA VAL A 311 6.63 3.72 -27.72
C VAL A 311 6.55 2.21 -27.95
N ASP A 312 5.32 1.65 -27.98
CA ASP A 312 5.17 0.23 -28.30
C ASP A 312 5.85 -0.14 -29.60
N ALA A 313 5.70 0.70 -30.63
CA ALA A 313 6.35 0.40 -31.91
C ALA A 313 7.87 0.48 -31.79
N ALA A 314 8.38 1.50 -31.10
CA ALA A 314 9.83 1.60 -30.92
C ALA A 314 10.37 0.38 -30.19
N VAL A 315 9.64 -0.08 -29.16
CA VAL A 315 10.05 -1.29 -28.43
C VAL A 315 10.03 -2.51 -29.34
N ARG A 316 8.97 -2.68 -30.14
CA ARG A 316 8.94 -3.81 -31.06
C ARG A 316 10.11 -3.78 -32.02
N GLY A 317 10.45 -2.59 -32.53
CA GLY A 317 11.60 -2.45 -33.40
C GLY A 317 12.91 -2.77 -32.69
N ILE A 318 13.06 -2.27 -31.46
CA ILE A 318 14.25 -2.57 -30.66
C ILE A 318 14.43 -4.07 -30.52
N LEU A 319 13.33 -4.80 -30.27
CA LEU A 319 13.44 -6.23 -30.04
C LEU A 319 13.64 -7.03 -31.32
N ARG A 320 13.33 -6.45 -32.47
CA ARG A 320 13.64 -7.08 -33.76
C ARG A 320 15.05 -6.74 -34.24
N ASN A 321 15.78 -5.91 -33.51
CA ASN A 321 17.11 -5.46 -33.89
C ASN A 321 18.13 -6.27 -33.07
N ALA A 322 18.90 -7.12 -33.75
CA ALA A 322 19.81 -8.02 -33.06
C ALA A 322 20.93 -7.28 -32.33
N LYS A 323 21.20 -6.02 -32.68
CA LYS A 323 22.21 -5.28 -31.93
C LYS A 323 21.60 -4.60 -30.69
N LEU A 324 20.34 -4.21 -30.76
CA LEU A 324 19.71 -3.48 -29.67
C LEU A 324 19.03 -4.42 -28.66
N LYS A 325 18.44 -5.52 -29.13
CA LYS A 325 17.68 -6.40 -28.24
C LYS A 325 18.48 -6.86 -27.03
N PRO A 326 19.71 -7.40 -27.17
CA PRO A 326 20.43 -7.83 -25.96
C PRO A 326 20.62 -6.72 -24.93
N VAL A 327 20.88 -5.50 -25.39
CA VAL A 327 21.07 -4.38 -24.48
C VAL A 327 19.75 -4.05 -23.78
N TYR A 328 18.69 -3.82 -24.56
CA TYR A 328 17.38 -3.48 -24.00
C TYR A 328 16.94 -4.50 -22.96
N ASP A 329 17.07 -5.79 -23.27
CA ASP A 329 16.69 -6.86 -22.35
C ASP A 329 17.39 -6.71 -20.99
N SER A 330 18.69 -6.44 -21.01
CA SER A 330 19.46 -6.39 -19.77
C SER A 330 19.16 -5.17 -18.91
N LEU A 331 18.56 -4.12 -19.47
CA LEU A 331 18.40 -2.87 -18.75
C LEU A 331 17.14 -2.89 -17.88
N ASP A 332 17.21 -2.16 -16.77
CA ASP A 332 16.05 -1.88 -15.94
C ASP A 332 15.09 -0.92 -16.68
N ALA A 333 13.90 -0.76 -16.09
CA ALA A 333 12.82 -0.03 -16.77
C ALA A 333 13.20 1.43 -17.04
N VAL A 334 13.88 2.07 -16.11
CA VAL A 334 14.28 3.46 -16.31
C VAL A 334 15.30 3.58 -17.44
N ARG A 335 16.35 2.76 -17.38
CA ARG A 335 17.37 2.84 -18.42
C ARG A 335 16.82 2.42 -19.77
N ARG A 336 15.83 1.51 -19.79
CA ARG A 336 15.11 1.22 -21.03
C ARG A 336 14.48 2.48 -21.63
N ALA A 337 13.93 3.34 -20.78
CA ALA A 337 13.32 4.57 -21.29
C ALA A 337 14.35 5.48 -21.93
N ALA A 338 15.56 5.54 -21.36
CA ALA A 338 16.61 6.35 -21.98
C ALA A 338 16.96 5.82 -23.36
N LEU A 339 16.97 4.49 -23.52
CA LEU A 339 17.25 3.89 -24.83
C LEU A 339 16.14 4.22 -25.82
N ILE A 340 14.89 4.10 -25.39
CA ILE A 340 13.75 4.51 -26.23
C ILE A 340 13.87 5.98 -26.58
N ASN A 341 14.34 6.80 -25.63
CA ASN A 341 14.52 8.22 -25.88
C ASN A 341 15.47 8.44 -27.05
N MET A 342 16.63 7.77 -27.03
CA MET A 342 17.58 7.92 -28.13
C MET A 342 17.00 7.42 -29.45
N VAL A 343 16.21 6.34 -29.40
CA VAL A 343 15.61 5.83 -30.63
C VAL A 343 14.60 6.82 -31.20
N PHE A 344 13.82 7.49 -30.34
CA PHE A 344 12.95 8.57 -30.81
C PHE A 344 13.76 9.67 -31.51
N GLN A 345 14.92 10.05 -30.94
CA GLN A 345 15.65 11.17 -31.51
C GLN A 345 16.36 10.80 -32.81
N MET A 346 17.02 9.64 -32.86
CA MET A 346 17.87 9.38 -34.02
C MET A 346 17.56 8.07 -34.73
N GLY A 347 16.48 7.39 -34.37
CA GLY A 347 16.11 6.19 -35.07
C GLY A 347 16.92 4.98 -34.66
N GLU A 348 16.37 3.81 -34.97
CA GLU A 348 16.97 2.52 -34.61
C GLU A 348 18.40 2.38 -35.14
N THR A 349 18.64 2.79 -36.39
CA THR A 349 19.95 2.58 -36.99
C THR A 349 21.01 3.47 -36.35
N GLY A 350 20.66 4.72 -36.04
CA GLY A 350 21.62 5.60 -35.38
C GLY A 350 22.03 5.08 -34.02
N VAL A 351 21.06 4.69 -33.20
CA VAL A 351 21.36 4.19 -31.86
C VAL A 351 22.26 2.97 -31.94
N ALA A 352 22.02 2.09 -32.92
CA ALA A 352 22.87 0.91 -33.07
C ALA A 352 24.33 1.28 -33.33
N GLY A 353 24.60 2.50 -33.79
CA GLY A 353 25.97 2.90 -34.07
C GLY A 353 26.84 3.10 -32.84
N PHE A 354 26.24 3.18 -31.65
CA PHE A 354 27.00 3.39 -30.42
C PHE A 354 27.53 2.05 -29.87
N THR A 355 28.38 1.41 -30.66
CA THR A 355 28.73 0.01 -30.40
C THR A 355 29.39 -0.17 -29.03
N ASN A 356 30.44 0.60 -28.75
CA ASN A 356 31.11 0.44 -27.47
C ASN A 356 30.23 0.89 -26.31
N SER A 357 29.46 1.97 -26.50
CA SER A 357 28.59 2.43 -25.43
C SER A 357 27.49 1.42 -25.11
N LEU A 358 26.92 0.79 -26.14
CA LEU A 358 25.93 -0.26 -25.89
C LEU A 358 26.54 -1.44 -25.16
N ARG A 359 27.78 -1.81 -25.50
CA ARG A 359 28.42 -2.89 -24.78
C ARG A 359 28.63 -2.52 -23.32
N MET A 360 29.06 -1.28 -23.05
CA MET A 360 29.25 -0.83 -21.68
C MET A 360 27.94 -0.87 -20.90
N LEU A 361 26.84 -0.44 -21.53
CA LEU A 361 25.53 -0.51 -20.88
C LEU A 361 25.16 -1.95 -20.57
N GLN A 362 25.36 -2.86 -21.53
CA GLN A 362 25.02 -4.26 -21.33
C GLN A 362 25.83 -4.89 -20.20
N GLN A 363 27.06 -4.41 -19.98
CA GLN A 363 27.87 -4.89 -18.88
C GLN A 363 27.67 -4.08 -17.60
N LYS A 364 26.74 -3.11 -17.62
CA LYS A 364 26.39 -2.32 -16.43
C LYS A 364 27.54 -1.46 -15.94
N ARG A 365 28.41 -1.02 -16.86
CA ARG A 365 29.47 -0.07 -16.53
C ARG A 365 28.90 1.32 -16.76
N TRP A 366 28.10 1.78 -15.79
CA TRP A 366 27.30 2.99 -15.98
C TRP A 366 28.19 4.22 -16.16
N ASP A 367 29.13 4.44 -15.24
CA ASP A 367 29.94 5.64 -15.33
C ASP A 367 30.80 5.63 -16.58
N GLU A 368 31.32 4.46 -16.96
CA GLU A 368 32.12 4.35 -18.18
C GLU A 368 31.27 4.63 -19.41
N ALA A 369 30.09 4.02 -19.48
CA ALA A 369 29.19 4.29 -20.60
C ALA A 369 28.80 5.76 -20.66
N ALA A 370 28.62 6.39 -19.50
CA ALA A 370 28.24 7.79 -19.49
C ALA A 370 29.34 8.69 -20.02
N VAL A 371 30.61 8.40 -19.67
CA VAL A 371 31.68 9.25 -20.17
C VAL A 371 31.88 9.01 -21.67
N ASN A 372 31.64 7.78 -22.14
CA ASN A 372 31.83 7.48 -23.55
C ASN A 372 30.75 8.13 -24.41
N LEU A 373 29.50 8.10 -23.94
CA LEU A 373 28.41 8.72 -24.68
C LEU A 373 28.60 10.23 -24.83
N ALA A 374 29.27 10.87 -23.88
CA ALA A 374 29.50 12.31 -23.96
C ALA A 374 30.59 12.70 -24.96
N LYS A 375 31.31 11.74 -25.53
CA LYS A 375 32.32 12.02 -26.55
C LYS A 375 31.78 11.92 -27.96
N SER A 376 30.48 11.75 -28.13
CA SER A 376 29.87 11.47 -29.41
C SER A 376 29.46 12.75 -30.14
N ARG A 377 29.17 12.60 -31.43
CA ARG A 377 28.58 13.69 -32.19
C ARG A 377 27.18 14.02 -31.70
N TRP A 378 26.49 13.03 -31.13
CA TRP A 378 25.15 13.24 -30.60
C TRP A 378 25.16 14.24 -29.47
N TYR A 379 26.12 14.10 -28.56
CA TYR A 379 26.25 15.03 -27.44
C TYR A 379 26.64 16.41 -27.93
N ASN A 380 27.52 16.48 -28.95
CA ASN A 380 27.94 17.76 -29.49
C ASN A 380 26.77 18.51 -30.12
N GLN A 381 25.86 17.79 -30.79
CA GLN A 381 24.77 18.44 -31.49
C GLN A 381 23.62 18.83 -30.56
N THR A 382 23.25 17.96 -29.60
CA THR A 382 22.19 18.26 -28.63
C THR A 382 22.70 17.96 -27.21
N PRO A 383 23.52 18.85 -26.65
CA PRO A 383 24.13 18.55 -25.36
C PRO A 383 23.16 18.56 -24.19
N ASN A 384 22.20 19.50 -24.17
CA ASN A 384 21.24 19.55 -23.08
C ASN A 384 20.45 18.25 -22.98
N ARG A 385 19.92 17.77 -24.11
CA ARG A 385 19.16 16.53 -24.10
C ARG A 385 20.06 15.34 -23.76
N ALA A 386 21.24 15.27 -24.39
CA ALA A 386 22.13 14.13 -24.18
C ALA A 386 22.57 14.04 -22.71
N LYS A 387 22.86 15.19 -22.10
CA LYS A 387 23.18 15.21 -20.67
C LYS A 387 22.07 14.55 -19.85
N ARG A 388 20.81 14.85 -20.16
CA ARG A 388 19.70 14.30 -19.38
C ARG A 388 19.56 12.80 -19.62
N VAL A 389 19.72 12.36 -20.87
CA VAL A 389 19.64 10.93 -21.18
C VAL A 389 20.81 10.19 -20.54
N ILE A 390 21.99 10.80 -20.53
CA ILE A 390 23.19 10.17 -19.98
C ILE A 390 23.08 10.05 -18.46
N THR A 391 22.58 11.09 -17.80
CA THR A 391 22.28 11.01 -16.37
C THR A 391 21.34 9.85 -16.07
N THR A 392 20.32 9.65 -16.92
CA THR A 392 19.41 8.53 -16.72
C THR A 392 20.14 7.20 -16.86
N PHE A 393 21.00 7.06 -17.87
CA PHE A 393 21.83 5.84 -17.99
C PHE A 393 22.77 5.71 -16.80
N ARG A 394 23.40 6.81 -16.36
CA ARG A 394 24.39 6.70 -15.30
C ARG A 394 23.74 6.30 -13.98
N THR A 395 22.58 6.86 -13.66
CA THR A 395 22.00 6.71 -12.33
C THR A 395 20.84 5.72 -12.28
N GLY A 396 20.18 5.47 -13.41
CA GLY A 396 18.95 4.70 -13.37
C GLY A 396 17.80 5.36 -12.66
N THR A 397 17.84 6.68 -12.52
CA THR A 397 16.78 7.45 -11.90
C THR A 397 16.21 8.46 -12.90
N TRP A 398 15.09 9.06 -12.51
CA TRP A 398 14.47 10.11 -13.31
C TRP A 398 14.96 11.51 -12.95
N ASP A 399 16.07 11.62 -12.20
CA ASP A 399 16.48 12.88 -11.60
C ASP A 399 16.65 13.99 -12.64
N ALA A 400 17.14 13.66 -13.83
CA ALA A 400 17.33 14.71 -14.84
C ALA A 400 16.02 15.22 -15.40
N TYR A 401 14.90 14.59 -15.07
CA TYR A 401 13.59 15.00 -15.54
C TYR A 401 12.67 15.40 -14.39
N LEU A 402 13.25 15.78 -13.25
CA LEU A 402 12.44 16.13 -12.08
C LEU A 402 11.59 17.36 -12.36
N ASN A 403 10.29 17.20 -12.27
CA ASN A 403 9.35 18.31 -12.26
C ASN A 403 8.27 18.01 -11.22
N ASP A 404 7.25 18.87 -11.15
CA ASP A 404 6.24 18.73 -10.10
C ASP A 404 5.49 17.42 -10.22
N HIS A 405 5.16 16.98 -11.45
CA HIS A 405 4.43 15.72 -11.63
C HIS A 405 5.25 14.52 -11.15
N LEU A 406 6.56 14.54 -11.39
CA LEU A 406 7.41 13.44 -10.94
C LEU A 406 7.57 13.44 -9.43
N LYS A 407 7.78 14.61 -8.83
CA LYS A 407 7.83 14.67 -7.37
C LYS A 407 6.55 14.16 -6.74
N GLN A 408 5.40 14.52 -7.33
CA GLN A 408 4.12 14.04 -6.81
C GLN A 408 4.00 12.53 -6.95
N ARG A 409 4.42 11.99 -8.09
CA ARG A 409 4.30 10.54 -8.30
C ARG A 409 5.18 9.77 -7.34
N ARG A 410 6.41 10.24 -7.14
CA ARG A 410 7.30 9.57 -6.19
C ARG A 410 6.67 9.50 -4.82
N GLU A 411 6.07 10.61 -4.38
CA GLU A 411 5.49 10.67 -3.04
C GLU A 411 4.28 9.76 -2.92
N VAL A 412 3.40 9.75 -3.93
CA VAL A 412 2.24 8.86 -3.90
C VAL A 412 2.68 7.40 -3.83
N ALA A 413 3.66 7.03 -4.66
CA ALA A 413 4.17 5.65 -4.64
C ALA A 413 4.71 5.30 -3.26
N LYS A 414 5.55 6.16 -2.69
CA LYS A 414 6.15 5.87 -1.40
C LYS A 414 5.10 5.81 -0.29
N THR A 415 4.07 6.64 -0.40
CA THR A 415 3.02 6.63 0.62
C THR A 415 2.31 5.28 0.65
N VAL A 416 1.91 4.78 -0.53
CA VAL A 416 1.17 3.53 -0.60
C VAL A 416 2.06 2.38 -0.19
N PHE A 417 3.31 2.37 -0.68
CA PHE A 417 4.20 1.28 -0.34
C PHE A 417 4.42 1.22 1.16
N CYS A 418 4.66 2.37 1.80
CA CYS A 418 5.00 2.40 3.21
C CYS A 418 3.80 2.01 4.07
N LEU A 419 2.62 2.54 3.75
CA LEU A 419 1.43 2.15 4.52
C LEU A 419 1.16 0.67 4.43
N VAL A 420 1.35 0.08 3.25
CA VAL A 420 1.04 -1.33 3.10
C VAL A 420 2.08 -2.19 3.80
N LEU A 421 3.36 -1.80 3.67
CA LEU A 421 4.42 -2.58 4.29
C LEU A 421 4.30 -2.57 5.82
N VAL A 422 4.02 -1.40 6.42
CA VAL A 422 3.90 -1.34 7.87
C VAL A 422 2.67 -2.11 8.33
N PHE A 423 1.58 -2.09 7.56
CA PHE A 423 0.42 -2.92 7.88
C PHE A 423 0.81 -4.40 7.95
N ALA A 424 1.51 -4.88 6.93
CA ALA A 424 1.86 -6.28 6.85
C ALA A 424 2.73 -6.70 8.03
N LEU A 425 3.75 -5.90 8.34
CA LEU A 425 4.70 -6.26 9.38
C LEU A 425 4.05 -6.18 10.76
N CYS A 426 3.20 -5.19 10.98
CA CYS A 426 2.62 -4.98 12.30
C CYS A 426 1.57 -6.03 12.64
N TRP A 427 0.80 -6.48 11.65
CA TRP A 427 -0.30 -7.40 11.92
C TRP A 427 0.10 -8.85 11.77
N LEU A 428 1.24 -9.15 11.13
CA LEU A 428 1.62 -10.54 10.98
C LEU A 428 1.77 -11.25 12.33
N PRO A 429 2.43 -10.67 13.34
CA PRO A 429 2.65 -11.45 14.59
C PRO A 429 1.37 -11.93 15.26
N LEU A 430 0.32 -11.11 15.29
CA LEU A 430 -0.91 -11.56 15.97
C LEU A 430 -1.57 -12.71 15.22
N HIS A 431 -1.57 -12.65 13.88
CA HIS A 431 -2.15 -13.76 13.12
C HIS A 431 -1.33 -15.04 13.27
N LEU A 432 0.00 -14.94 13.22
CA LEU A 432 0.83 -16.11 13.45
C LEU A 432 0.59 -16.71 14.83
N ALA A 433 0.37 -15.86 15.84
CA ALA A 433 0.10 -16.37 17.18
C ALA A 433 -1.14 -17.24 17.20
N ARG A 434 -2.24 -16.76 16.59
CA ARG A 434 -3.49 -17.51 16.59
C ARG A 434 -3.40 -18.75 15.71
N ILE A 435 -2.65 -18.67 14.61
CA ILE A 435 -2.46 -19.83 13.72
C ILE A 435 -1.62 -20.90 14.40
N LEU A 436 -0.60 -20.50 15.18
CA LEU A 436 0.24 -21.48 15.85
C LEU A 436 -0.56 -22.29 16.86
N LYS A 437 -1.46 -21.64 17.60
CA LYS A 437 -2.33 -22.39 18.51
C LYS A 437 -3.19 -23.38 17.74
N LEU A 438 -3.83 -22.92 16.66
CA LEU A 438 -4.66 -23.79 15.83
C LEU A 438 -3.88 -25.01 15.36
N THR A 439 -2.62 -24.84 15.00
CA THR A 439 -1.88 -25.91 14.35
C THR A 439 -1.04 -26.74 15.31
N LEU A 440 -0.64 -26.19 16.46
CA LEU A 440 0.28 -26.88 17.36
C LEU A 440 -0.35 -27.39 18.64
N TYR A 441 -1.52 -26.89 19.03
CA TYR A 441 -2.06 -27.19 20.35
C TYR A 441 -2.75 -28.56 20.35
N ASN A 442 -2.33 -29.44 21.26
CA ASN A 442 -2.88 -30.78 21.41
C ASN A 442 -3.43 -30.87 22.82
N GLN A 443 -4.76 -30.83 22.94
CA GLN A 443 -5.44 -30.81 24.22
C GLN A 443 -5.21 -32.08 25.05
N ASN A 444 -4.69 -33.15 24.44
CA ASN A 444 -4.42 -34.38 25.17
C ASN A 444 -3.01 -34.42 25.77
N ASP A 445 -2.18 -33.43 25.49
CA ASP A 445 -0.79 -33.46 25.94
C ASP A 445 -0.70 -32.91 27.36
N PRO A 446 -0.25 -33.70 28.34
CA PRO A 446 -0.07 -33.15 29.69
C PRO A 446 1.04 -32.10 29.79
N ASN A 447 1.84 -31.90 28.76
CA ASN A 447 2.85 -30.86 28.79
C ASN A 447 2.43 -29.62 27.99
N ARG A 448 1.17 -29.55 27.56
CA ARG A 448 0.73 -28.51 26.65
C ARG A 448 0.71 -27.12 27.28
N CYS A 449 0.79 -27.00 28.60
CA CYS A 449 0.72 -25.66 29.17
C CYS A 449 2.02 -24.87 28.96
N GLU A 450 3.13 -25.52 28.58
CA GLU A 450 4.30 -24.75 28.18
C GLU A 450 4.05 -24.03 26.86
N LEU A 451 3.41 -24.69 25.90
CA LEU A 451 2.99 -24.01 24.68
C LEU A 451 1.98 -22.90 24.99
N LEU A 452 1.01 -23.18 25.88
CA LEU A 452 0.03 -22.15 26.20
C LEU A 452 0.67 -20.92 26.83
N SER A 453 1.68 -21.13 27.70
CA SER A 453 2.38 -19.99 28.29
C SER A 453 3.15 -19.21 27.23
N PHE A 454 3.73 -19.89 26.24
CA PHE A 454 4.42 -19.17 25.17
C PHE A 454 3.44 -18.39 24.31
N LEU A 455 2.28 -18.99 24.03
CA LEU A 455 1.28 -18.32 23.20
C LEU A 455 0.77 -17.05 23.86
N LEU A 456 0.65 -17.06 25.19
CA LEU A 456 0.24 -15.84 25.88
C LEU A 456 1.21 -14.69 25.59
N VAL A 457 2.52 -14.98 25.58
CA VAL A 457 3.50 -13.95 25.27
C VAL A 457 3.33 -13.45 23.84
N LEU A 458 3.25 -14.39 22.88
CA LEU A 458 3.07 -13.99 21.48
C LEU A 458 1.79 -13.16 21.31
N ASP A 459 0.73 -13.54 22.02
CA ASP A 459 -0.55 -12.86 21.89
C ASP A 459 -0.44 -11.41 22.34
N TYR A 460 0.15 -11.18 23.52
CA TYR A 460 0.25 -9.81 24.03
C TYR A 460 1.21 -8.99 23.16
N ILE A 461 2.30 -9.60 22.69
CA ILE A 461 3.14 -8.93 21.70
C ILE A 461 2.32 -8.59 20.47
N GLY A 462 1.53 -9.55 19.98
CA GLY A 462 0.75 -9.35 18.77
C GLY A 462 -0.22 -8.18 18.89
N ILE A 463 -0.88 -8.04 20.05
CA ILE A 463 -1.75 -6.91 20.31
C ILE A 463 -0.97 -5.60 20.25
N ASN A 464 0.23 -5.56 20.83
CA ASN A 464 1.03 -4.34 20.81
C ASN A 464 1.47 -3.99 19.39
N MET A 465 1.79 -5.00 18.57
CA MET A 465 2.25 -4.72 17.22
C MET A 465 1.11 -4.26 16.33
N ALA A 466 -0.06 -4.88 16.49
CA ALA A 466 -1.22 -4.45 15.74
C ALA A 466 -1.58 -3.01 16.04
N SER A 467 -1.54 -2.63 17.32
CA SER A 467 -1.82 -1.25 17.70
C SER A 467 -0.68 -0.31 17.30
N LEU A 468 0.54 -0.82 17.18
CA LEU A 468 1.62 0.00 16.66
C LEU A 468 1.35 0.42 15.22
N ASN A 469 0.64 -0.42 14.44
CA ASN A 469 0.24 -0.01 13.10
C ASN A 469 -0.61 1.24 13.15
N SER A 470 -1.61 1.25 14.03
CA SER A 470 -2.48 2.41 14.15
C SER A 470 -1.67 3.64 14.56
N CYS A 471 -0.70 3.43 15.43
CA CYS A 471 0.18 4.50 15.87
C CYS A 471 1.16 4.91 14.77
N ALA A 472 1.52 4.00 13.87
CA ALA A 472 2.56 4.24 12.87
C ALA A 472 2.07 4.99 11.64
N ASN A 473 0.80 4.87 11.30
CA ASN A 473 0.31 5.51 10.08
C ASN A 473 0.54 7.01 10.06
N PRO A 474 0.24 7.78 11.12
CA PRO A 474 0.59 9.21 11.07
C PRO A 474 2.07 9.44 10.90
N ILE A 475 2.91 8.58 11.48
CA ILE A 475 4.36 8.77 11.39
C ILE A 475 4.83 8.53 9.96
N ALA A 476 4.31 7.48 9.31
CA ALA A 476 4.68 7.22 7.93
C ALA A 476 4.32 8.41 7.03
N LEU A 477 3.13 8.99 7.22
CA LEU A 477 2.75 10.16 6.41
C LEU A 477 3.66 11.35 6.68
N TYR A 478 4.05 11.54 7.94
CA TYR A 478 4.96 12.62 8.29
C TYR A 478 6.28 12.49 7.55
N LEU A 479 6.79 11.26 7.41
CA LEU A 479 8.11 11.06 6.82
C LEU A 479 8.08 11.02 5.30
N VAL A 480 6.95 10.66 4.72
CA VAL A 480 6.86 10.38 3.28
C VAL A 480 6.31 11.59 2.54
N SER A 481 5.39 12.32 3.17
CA SER A 481 4.67 13.41 2.51
C SER A 481 5.16 14.75 3.03
N LYS A 482 5.70 15.58 2.12
CA LYS A 482 6.15 16.91 2.53
C LYS A 482 4.98 17.75 3.04
N ARG A 483 3.81 17.62 2.42
CA ARG A 483 2.63 18.36 2.84
C ARG A 483 2.24 18.00 4.27
N PHE A 484 2.22 16.70 4.58
CA PHE A 484 1.87 16.30 5.94
C PHE A 484 2.98 16.67 6.92
N LYS A 485 4.24 16.49 6.52
CA LYS A 485 5.36 16.84 7.38
C LYS A 485 5.24 18.28 7.88
N ASN A 486 4.97 19.21 6.95
CA ASN A 486 4.82 20.60 7.35
C ASN A 486 3.55 20.82 8.16
N ALA A 487 2.46 20.10 7.82
CA ALA A 487 1.22 20.25 8.57
C ALA A 487 1.39 19.81 10.02
N PHE A 488 2.08 18.69 10.25
CA PHE A 488 2.36 18.26 11.62
C PHE A 488 3.24 19.28 12.35
N LYS A 489 4.14 19.95 11.61
CA LYS A 489 5.03 20.94 12.23
C LYS A 489 4.23 22.12 12.77
N SER A 490 3.32 22.66 11.95
CA SER A 490 2.51 23.79 12.40
C SER A 490 1.65 23.41 13.59
N ALA A 491 1.08 22.20 13.57
CA ALA A 491 0.14 21.80 14.61
C ALA A 491 0.83 21.47 15.93
N LEU A 492 2.07 20.99 15.87
CA LEU A 492 2.75 20.46 17.05
C LEU A 492 3.92 21.27 17.52
N CYS A 493 4.71 21.85 16.61
CA CYS A 493 5.88 22.64 16.97
C CYS A 493 5.55 24.11 17.19
N CYS A 494 4.27 24.46 17.25
CA CYS A 494 3.85 25.87 17.48
C CYS A 494 2.60 25.90 18.36
N CYS B 1 -10.54 -15.40 22.19
CA CYS B 1 -9.87 -16.67 22.61
C CYS B 1 -10.93 -17.78 22.70
N THR B 2 -10.67 -18.96 22.15
CA THR B 2 -11.64 -20.04 22.19
C THR B 2 -10.94 -21.37 22.44
N CYS B 3 -11.76 -22.39 22.77
CA CYS B 3 -11.27 -23.73 23.04
C CYS B 3 -12.24 -24.75 22.44
N PHE B 4 -11.70 -25.91 22.07
CA PHE B 4 -12.51 -26.99 21.50
C PHE B 4 -13.63 -27.43 22.44
N THR B 5 -13.33 -27.59 23.73
CA THR B 5 -14.34 -28.05 24.67
C THR B 5 -14.14 -27.40 26.03
N TYR B 6 -15.26 -27.15 26.72
CA TYR B 6 -15.24 -26.69 28.12
C TYR B 6 -14.43 -27.61 29.01
N LYS B 7 -14.42 -28.92 28.72
CA LYS B 7 -13.73 -29.86 29.59
C LYS B 7 -12.21 -29.72 29.54
N ASP B 8 -11.66 -28.96 28.57
CA ASP B 8 -10.24 -28.63 28.55
C ASP B 8 -10.03 -27.38 29.40
N LYS B 9 -9.96 -27.61 30.70
CA LYS B 9 -9.86 -26.50 31.65
C LYS B 9 -8.57 -25.74 31.52
N GLU B 10 -7.51 -26.35 30.99
CA GLU B 10 -6.26 -25.63 30.80
C GLU B 10 -6.39 -24.62 29.67
N CYS B 11 -7.07 -25.00 28.59
CA CYS B 11 -7.30 -24.05 27.52
C CYS B 11 -8.20 -22.91 27.98
N VAL B 12 -9.23 -23.22 28.77
CA VAL B 12 -10.12 -22.17 29.27
C VAL B 12 -9.39 -21.23 30.21
N TYR B 13 -8.50 -21.78 31.06
CA TYR B 13 -7.70 -20.92 31.91
C TYR B 13 -6.78 -20.03 31.08
N TYR B 14 -6.20 -20.60 30.01
CA TYR B 14 -5.38 -19.79 29.11
C TYR B 14 -6.20 -18.64 28.52
N CYS B 15 -7.44 -18.90 28.08
CA CYS B 15 -8.28 -17.82 27.57
C CYS B 15 -8.58 -16.80 28.64
N HIS B 16 -8.63 -17.23 29.90
CA HIS B 16 -8.82 -16.31 31.00
C HIS B 16 -7.64 -15.35 31.15
N LEU B 17 -6.41 -15.80 30.88
CA LEU B 17 -5.23 -14.93 30.93
C LEU B 17 -4.98 -14.19 29.62
N ASP B 18 -5.63 -14.61 28.53
CA ASP B 18 -5.24 -14.22 27.19
C ASP B 18 -5.76 -12.84 26.82
N ILE B 19 -5.20 -12.30 25.72
CA ILE B 19 -5.72 -11.06 25.15
C ILE B 19 -7.20 -11.22 24.81
N ILE B 20 -7.89 -10.08 24.72
CA ILE B 20 -9.19 -10.04 24.06
C ILE B 20 -8.94 -9.85 22.57
N TRP B 21 -9.26 -10.87 21.79
CA TRP B 21 -9.13 -10.83 20.34
C TRP B 21 -9.84 -12.03 19.75
C18 OLC C . 3.99 13.07 27.27
C10 OLC C . 4.88 8.54 28.48
C9 OLC C . 4.41 7.38 28.93
C17 OLC C . 3.58 12.97 25.81
C11 OLC C . 5.79 8.60 27.28
C8 OLC C . 4.79 6.07 28.27
C24 OLC C . 2.92 -3.70 36.60
C16 OLC C . 4.73 13.37 24.89
C12 OLC C . 5.34 9.77 26.43
C7 OLC C . 5.60 5.25 29.26
C15 OLC C . 5.90 12.39 24.99
C13 OLC C . 6.11 9.89 25.12
C6 OLC C . 4.92 5.21 30.63
C14 OLC C . 5.59 11.07 24.30
C5 OLC C . 5.46 4.05 31.43
C4 OLC C . 4.40 3.45 32.36
C3 OLC C . 4.95 2.16 32.94
C2 OLC C . 3.95 1.43 33.82
C21 OLC C . 3.54 -2.20 34.69
C1 OLC C . 4.47 0.02 34.02
C22 OLC C . 4.05 -3.16 35.74
O19 OLC C . 5.38 -0.40 33.33
O25 OLC C . 3.33 -4.98 37.12
O23 OLC C . 4.64 -4.27 35.07
O20 OLC C . 3.90 -0.86 35.04
C18 OLC D . -16.90 0.79 25.01
C10 OLC D . -10.53 -0.60 31.11
C9 OLC D . -9.33 -0.57 31.71
C17 OLC D . -15.55 1.48 25.08
C11 OLC D . -10.85 0.15 29.85
C8 OLC D . -8.15 0.25 31.23
C24 OLC D . -2.42 -5.46 40.06
C16 OLC D . -14.60 0.74 26.01
C12 OLC D . -11.83 -0.71 29.07
C7 OLC D . -7.08 0.20 32.30
C15 OLC D . -13.37 1.58 26.34
C13 OLC D . -12.88 0.13 28.34
C6 OLC D . -5.70 0.71 31.86
C14 OLC D . -12.32 0.75 27.05
C5 OLC D . -4.63 0.12 32.79
C4 OLC D . -5.16 -0.01 34.21
C3 OLC D . -4.40 -1.06 35.03
C2 OLC D . -5.02 -1.32 36.39
C21 OLC D . -3.66 -3.67 38.88
C1 OLC D . -4.65 -2.73 36.81
C22 OLC D . -3.79 -5.06 39.49
O19 OLC D . -4.14 -3.45 35.96
O25 OLC D . -2.58 -6.68 40.80
O23 OLC D . -4.75 -5.11 40.56
O20 OLC D . -4.83 -3.26 38.15
C18 OLC E . -26.00 -4.50 12.97
C10 OLC E . -23.07 1.39 11.26
C9 OLC E . -22.61 2.63 11.40
C17 OLC E . -26.99 -4.65 11.84
C11 OLC E . -23.87 0.76 12.37
C8 OLC E . -21.82 3.28 10.29
C24 OLC E . -16.08 11.48 6.69
C16 OLC E . -26.61 -3.76 10.66
C12 OLC E . -25.29 0.53 11.89
C7 OLC E . -22.67 4.36 9.65
C15 OLC E . -26.52 -2.30 11.09
C13 OLC E . -25.27 -0.19 10.54
C6 OLC E . -21.84 5.25 8.72
C14 OLC E . -25.17 -1.69 10.70
C5 OLC E . -20.89 6.14 9.52
C4 OLC E . -19.83 6.71 8.60
C3 OLC E . -18.72 7.42 9.38
C2 OLC E . -17.58 7.70 8.40
C21 OLC E . -14.80 10.31 8.47
C1 OLC E . -16.51 8.58 8.97
C22 OLC E . -14.70 11.25 7.28
O19 OLC E . -16.48 8.88 10.14
O25 OLC E . -16.10 12.70 5.95
O23 OLC E . -14.16 12.50 7.73
O20 OLC E . -15.49 9.12 8.09
C18 OLC F . -17.35 0.91 14.60
C10 OLC F . -25.02 -0.99 15.51
C9 OLC F . -25.34 -2.29 15.49
C17 OLC F . -17.86 2.09 15.41
C11 OLC F . -24.05 -0.42 16.53
C8 OLC F . -24.75 -3.27 16.47
C24 OLC F . -26.89 -14.39 23.56
C16 OLC F . -19.37 2.01 15.58
C12 OLC F . -23.58 0.94 16.04
C7 OLC F . -25.76 -4.37 16.75
C15 OLC F . -19.73 0.80 16.43
C13 OLC F . -22.11 0.92 15.63
C6 OLC F . -25.29 -5.30 17.87
C14 OLC F . -21.20 0.82 16.84
C5 OLC F . -25.59 -6.76 17.54
C4 OLC F . -26.72 -7.32 18.42
C3 OLC F . -26.19 -8.02 19.67
C2 OLC F . -26.29 -9.53 19.53
C21 OLC F . -26.49 -12.26 22.31
C1 OLC F . -26.29 -10.18 20.90
C22 OLC F . -26.94 -13.71 22.20
O19 OLC F . -26.11 -9.53 21.90
O25 OLC F . -27.84 -13.78 24.43
O23 OLC F . -28.29 -13.75 21.72
O20 OLC F . -26.53 -11.63 21.02
C18 OLC G . 8.21 -8.69 12.11
C10 OLC G . 7.73 -16.00 16.34
C9 OLC G . 8.15 -17.23 16.63
C17 OLC G . 7.13 -9.69 11.76
C11 OLC G . 6.28 -15.72 16.04
C8 OLC G . 7.21 -18.42 16.63
C24 OLC G . 3.89 -29.12 19.35
C16 OLC G . 7.66 -11.12 11.82
C12 OLC G . 6.15 -14.90 14.76
C7 OLC G . 7.97 -19.64 16.12
C15 OLC G . 7.71 -11.68 13.24
C13 OLC G . 6.96 -13.61 14.75
C6 OLC G . 7.25 -20.94 16.42
C14 OLC G . 7.00 -13.03 13.33
C5 OLC G . 7.54 -21.42 17.85
C4 OLC G . 7.02 -22.84 18.02
C3 OLC G . 7.18 -23.34 19.46
C2 OLC G . 6.90 -24.83 19.52
C21 OLC G . 5.40 -27.28 20.02
C1 OLC G . 6.53 -25.24 20.92
C22 OLC G . 4.24 -28.15 20.47
O19 OLC G . 6.73 -24.50 21.88
O25 OLC G . 2.63 -29.74 19.63
O23 OLC G . 4.60 -28.88 21.65
O20 OLC G . 5.90 -26.53 21.14
C18 OLC H . 4.54 -9.19 -1.52
C10 OLC H . -0.65 -13.84 1.72
C9 OLC H . 0.28 -14.20 2.61
C17 OLC H . 3.05 -9.30 -1.25
C11 OLC H . -0.67 -12.45 1.16
C8 OLC H . 1.33 -13.21 3.07
C24 OLC H . -0.25 -23.34 7.79
C16 OLC H . 2.36 -10.14 -2.31
C12 OLC H . -1.25 -12.49 -0.26
C7 OLC H . 1.90 -13.74 4.39
C15 OLC H . 0.85 -9.98 -2.22
C13 OLC H . -0.25 -12.03 -1.29
C6 OLC H . 2.35 -15.18 4.23
C14 OLC H . 0.28 -10.63 -0.98
C5 OLC H . 3.19 -15.65 5.40
C4 OLC H . 2.38 -15.66 6.68
C3 OLC H . 2.36 -17.05 7.32
C2 OLC H . 1.44 -18.00 6.55
C21 OLC H . 1.05 -21.63 6.54
C1 OLC H . 1.27 -19.28 7.34
C22 OLC H . 0.01 -22.73 6.41
O19 OLC H . 1.83 -19.42 8.41
O25 OLC H . -0.75 -22.32 8.66
O23 OLC H . -1.22 -22.22 5.88
O20 OLC H . 0.46 -20.36 6.81
C18 OLC I . 11.93 -0.93 14.58
C10 OLC I . 11.90 -8.75 19.14
C9 OLC I . 12.10 -10.05 19.33
C17 OLC I . 12.33 -2.33 14.99
C11 OLC I . 12.93 -7.69 19.43
C8 OLC I . 13.40 -10.64 19.85
C24 OLC I . 10.65 -20.85 26.36
C16 OLC I . 11.87 -2.65 16.41
C12 OLC I . 12.69 -6.51 18.49
C7 OLC I . 13.06 -11.90 20.65
C15 OLC I . 12.66 -3.81 17.01
C13 OLC I . 13.09 -5.17 19.10
C6 OLC I . 14.05 -13.03 20.39
C14 OLC I . 12.31 -4.02 18.48
C5 OLC I . 13.40 -14.40 20.51
C4 OLC I . 12.43 -14.44 21.69
C3 OLC I . 11.68 -15.76 21.77
C2 OLC I . 12.64 -16.91 22.00
C21 OLC I . 11.76 -19.27 24.82
C1 OLC I . 11.94 -18.06 22.67
C22 OLC I . 10.44 -19.61 25.51
O19 OLC I . 11.64 -19.07 22.05
O25 OLC I . 9.63 -20.91 27.36
O23 OLC I . 10.02 -18.51 26.32
O20 OLC I . 11.62 -18.04 24.10
C18 OLC J . 14.87 -5.34 34.26
C10 OLC J . 13.79 -5.51 25.28
C9 OLC J . 13.76 -6.56 24.45
C17 OLC J . 13.93 -5.31 33.08
C11 OLC J . 13.61 -5.66 26.78
C8 OLC J . 13.53 -7.96 25.00
C24 OLC J . 7.22 -17.35 29.87
C16 OLC J . 14.40 -6.22 31.95
C12 OLC J . 14.71 -4.98 27.60
C7 OLC J . 12.86 -8.88 23.97
C15 OLC J . 15.70 -5.74 31.31
C13 OLC J . 14.99 -5.80 28.88
C6 OLC J . 11.48 -9.34 24.44
C14 OLC J . 15.48 -4.93 30.03
C5 OLC J . 11.07 -10.66 23.80
C4 OLC J . 9.81 -11.22 24.48
C3 OLC J . 9.86 -12.74 24.71
C2 OLC J . 9.25 -13.12 26.07
C21 OLC J . 8.07 -16.22 27.82
C1 OLC J . 9.21 -14.63 26.29
C22 OLC J . 8.43 -17.15 28.97
O19 OLC J . 9.30 -15.39 25.34
O25 OLC J . 7.08 -18.75 30.20
O23 OLC J . 8.77 -18.43 28.41
O20 OLC J . 9.03 -15.18 27.63
C10 OLC K . -17.30 -14.84 9.34
C9 OLC K . -17.93 -13.68 9.21
C11 OLC K . -17.91 -16.10 8.79
C8 OLC K . -19.27 -13.57 8.54
C24 OLC K . -26.86 -16.99 15.12
C12 OLC K . -16.79 -17.04 8.38
C7 OLC K . -19.88 -12.23 8.95
C13 OLC K . -16.08 -17.62 9.60
C6 OLC K . -21.41 -12.28 8.93
C5 OLC K . -21.98 -10.99 9.51
C4 OLC K . -23.50 -11.06 9.63
C3 OLC K . -23.94 -11.63 10.97
C2 OLC K . -24.27 -13.11 10.89
C21 OLC K . -25.69 -15.35 13.64
C1 OLC K . -25.13 -13.46 12.09
C22 OLC K . -26.92 -16.22 13.79
O19 OLC K . -25.40 -12.60 12.91
O25 OLC K . -27.26 -16.17 16.22
O23 OLC K . -28.07 -15.37 13.79
O20 OLC K . -25.63 -14.81 12.30
C18 OLC L . 6.82 -5.85 13.98
C10 OLC L . 7.34 2.23 12.20
C9 OLC L . 6.94 3.50 12.10
C17 OLC L . 7.41 -4.79 13.08
C11 OLC L . 6.76 1.30 13.22
C8 OLC L . 7.59 4.34 11.03
C24 OLC L . 12.35 9.05 0.76
C16 OLC L . 7.80 -3.55 13.87
C12 OLC L . 6.08 0.15 12.48
C7 OLC L . 7.04 3.82 9.71
C15 OLC L . 8.18 -2.37 12.98
C13 OLC L . 7.07 -0.59 11.58
C6 OLC L . 7.30 4.77 8.55
C14 OLC L . 7.11 -2.08 11.93
C5 OLC L . 8.75 4.72 8.07
C4 OLC L . 8.88 5.46 6.75
C3 OLC L . 10.32 5.51 6.26
C2 OLC L . 10.73 6.92 5.87
C21 OLC L . 10.50 8.57 2.36
C1 OLC L . 10.30 7.22 4.45
C22 OLC L . 11.35 9.67 1.75
O19 OLC L . 9.47 6.52 3.89
O25 OLC L . 13.00 7.93 1.37
O23 OLC L . 10.51 10.59 1.06
O20 OLC L . 10.90 8.33 3.71
C10 OLC M . -7.22 -15.33 0.53
C9 OLC M . -6.72 -16.50 0.91
C11 OLC M . -6.37 -14.31 -0.18
C8 OLC M . -5.26 -16.82 0.65
C24 OLC M . -4.90 -25.80 7.17
C12 OLC M . -7.26 -13.39 -1.01
C7 OLC M . -4.65 -17.44 1.89
C6 OLC M . -5.36 -18.75 2.19
C5 OLC M . -6.03 -18.72 3.56
C4 OLC M . -7.06 -19.85 3.62
C3 OLC M . -7.54 -20.10 5.05
C2 OLC M . -8.20 -21.48 5.16
C21 OLC M . -6.88 -24.32 7.16
C1 OLC M . -7.16 -22.53 5.47
C22 OLC M . -6.41 -25.76 6.97
O19 OLC M . -5.97 -22.27 5.31
O25 OLC M . -4.31 -24.65 6.57
O23 OLC M . -7.05 -26.60 7.93
O20 OLC M . -7.54 -23.83 6.00
C10 OLC N . -12.39 -14.17 3.25
C9 OLC N . -12.53 -15.27 3.98
C11 OLC N . -12.74 -14.20 1.78
C8 OLC N . -13.02 -16.57 3.37
C24 OLC N . -10.15 -25.78 11.80
C12 OLC N . -13.62 -12.99 1.46
C7 OLC N . -12.35 -17.77 4.05
C6 OLC N . -12.88 -17.99 5.46
C5 OLC N . -12.04 -18.99 6.24
C4 OLC N . -12.60 -20.41 6.15
C3 OLC N . -11.75 -21.42 6.91
C2 OLC N . -12.43 -22.77 7.02
C21 OLC N . -11.64 -25.26 9.84
C1 OLC N . -11.61 -23.75 7.83
C22 OLC N . -10.20 -25.35 10.34
O19 OLC N . -10.72 -24.40 7.30
O25 OLC N . -8.79 -25.71 12.25
O23 OLC N . -9.50 -26.30 9.55
O20 OLC N . -11.87 -23.97 9.25
C1 CIT O . 33.43 5.09 -28.97
O1 CIT O . 33.64 4.00 -28.39
O2 CIT O . 33.64 6.15 -28.36
C2 CIT O . 32.92 5.12 -30.40
C3 CIT O . 31.69 4.23 -30.64
O7 CIT O . 32.17 2.86 -30.72
C4 CIT O . 30.57 4.23 -29.59
C5 CIT O . 30.28 5.59 -28.97
O3 CIT O . 30.37 6.65 -29.62
O4 CIT O . 29.91 5.63 -27.77
C6 CIT O . 31.11 4.59 -31.99
O5 CIT O . 31.52 4.04 -33.03
O6 CIT O . 30.22 5.48 -32.09
#